data_5M2W
#
_entry.id   5M2W
#
_cell.length_a   53.390
_cell.length_b   53.390
_cell.length_c   88.020
_cell.angle_alpha   90.00
_cell.angle_beta   90.00
_cell.angle_gamma   90.00
#
_symmetry.space_group_name_H-M   'P 43'
#
loop_
_entity.id
_entity.type
_entity.pdbx_description
1 polymer 'Llama nanobody nb8 against TssK from T6SS'
2 non-polymer 'SULFATE ION'
3 water water
#
_entity_poly.entity_id   1
_entity_poly.type   'polypeptide(L)'
_entity_poly.pdbx_seq_one_letter_code
;QVQLVESGGGLVQAGGTLKLSCAASGSISGIVVMAWYRQAPGKQRELVASITSGGTTNYADSVKGRFTISKDNAENTLYL
RMNSLKPEDTAVYYCKAFFRRDYVGYDYWGQGTQVTVSSHHHHHH
;
_entity_poly.pdbx_strand_id   A,B
#
loop_
_chem_comp.id
_chem_comp.type
_chem_comp.name
_chem_comp.formula
SO4 non-polymer 'SULFATE ION' 'O4 S -2'
#
# COMPACT_ATOMS: atom_id res chain seq x y z
N GLN A 1 2.08 -10.18 22.71
CA GLN A 1 1.73 -11.57 22.44
C GLN A 1 0.36 -11.98 22.99
N VAL A 2 0.08 -11.71 24.31
CA VAL A 2 -1.18 -12.01 25.01
C VAL A 2 -2.35 -11.93 24.04
N GLN A 3 -2.52 -10.77 23.35
CA GLN A 3 -3.51 -10.62 22.30
C GLN A 3 -2.89 -9.94 21.07
N LEU A 4 -2.97 -10.61 19.91
CA LEU A 4 -2.47 -10.06 18.64
C LEU A 4 -3.65 -9.85 17.69
N VAL A 5 -3.84 -8.61 17.22
CA VAL A 5 -4.97 -8.32 16.32
C VAL A 5 -4.45 -7.79 15.00
N GLU A 6 -4.82 -8.48 13.93
CA GLU A 6 -4.42 -8.12 12.57
C GLU A 6 -5.44 -7.31 11.83
N SER A 7 -4.94 -6.49 10.91
CA SER A 7 -5.72 -5.65 10.03
C SER A 7 -4.85 -5.30 8.83
N GLY A 8 -5.45 -4.65 7.83
CA GLY A 8 -4.73 -4.21 6.66
C GLY A 8 -4.92 -5.06 5.42
N GLY A 9 -5.59 -6.20 5.55
CA GLY A 9 -5.86 -7.05 4.40
C GLY A 9 -6.90 -6.45 3.49
N GLY A 10 -7.13 -7.10 2.37
CA GLY A 10 -8.13 -6.66 1.42
C GLY A 10 -8.04 -7.34 0.07
N LEU A 11 -8.77 -6.78 -0.90
CA LEU A 11 -8.81 -7.24 -2.29
C LEU A 11 -8.13 -6.18 -3.12
N VAL A 12 -7.00 -6.53 -3.76
CA VAL A 12 -6.22 -5.60 -4.55
C VAL A 12 -5.87 -6.19 -5.89
N GLN A 13 -5.56 -5.32 -6.84
CA GLN A 13 -5.18 -5.63 -8.21
C GLN A 13 -3.74 -6.17 -8.22
N ALA A 14 -3.39 -7.13 -9.16
CA ALA A 14 -2.00 -7.61 -9.31
C ALA A 14 -1.11 -6.39 -9.55
N GLY A 15 0.04 -6.37 -8.90
CA GLY A 15 0.98 -5.25 -8.94
C GLY A 15 0.77 -4.25 -7.82
N GLY A 16 -0.34 -4.42 -7.10
CA GLY A 16 -0.75 -3.54 -6.00
C GLY A 16 0.07 -3.67 -4.74
N THR A 17 -0.22 -2.80 -3.76
CA THR A 17 0.41 -2.71 -2.46
C THR A 17 -0.61 -2.80 -1.31
N LEU A 18 -0.21 -3.44 -0.21
CA LEU A 18 -0.97 -3.50 1.03
C LEU A 18 0.04 -3.42 2.17
N LYS A 19 -0.43 -3.03 3.37
CA LYS A 19 0.41 -3.07 4.56
C LYS A 19 -0.38 -3.73 5.65
N LEU A 20 0.10 -4.88 6.12
CA LEU A 20 -0.57 -5.59 7.19
C LEU A 20 -0.03 -5.11 8.51
N SER A 21 -0.92 -5.01 9.51
CA SER A 21 -0.59 -4.58 10.86
C SER A 21 -0.96 -5.68 11.83
N CYS A 22 -0.09 -5.93 12.80
CA CYS A 22 -0.31 -6.91 13.84
C CYS A 22 -0.11 -6.18 15.15
N ALA A 23 -1.22 -5.74 15.75
CA ALA A 23 -1.24 -4.97 16.97
C ALA A 23 -1.23 -5.85 18.21
N ALA A 24 -0.18 -5.71 19.04
CA ALA A 24 -0.06 -6.45 20.29
C ALA A 24 -0.78 -5.66 21.39
N SER A 25 -1.62 -6.36 22.20
CA SER A 25 -2.43 -5.89 23.35
C SER A 25 -1.63 -4.94 24.25
N GLY A 26 -0.34 -5.25 24.38
CA GLY A 26 0.65 -4.49 25.11
C GLY A 26 1.98 -5.19 24.98
N SER A 27 3.00 -4.71 25.72
CA SER A 27 4.35 -5.27 25.80
C SER A 27 4.51 -5.90 27.20
N GLY A 30 9.61 -11.29 27.62
CA GLY A 30 10.23 -12.52 27.15
C GLY A 30 10.25 -12.70 25.65
N ILE A 31 9.74 -11.69 24.88
CA ILE A 31 9.64 -11.67 23.42
C ILE A 31 11.00 -12.00 22.76
N VAL A 32 10.99 -12.99 21.85
CA VAL A 32 12.18 -13.49 21.15
C VAL A 32 12.09 -13.15 19.65
N VAL A 33 10.95 -13.49 19.03
CA VAL A 33 10.73 -13.30 17.61
C VAL A 33 9.25 -13.04 17.32
N MET A 34 8.99 -12.28 16.25
CA MET A 34 7.66 -12.05 15.73
C MET A 34 7.72 -12.42 14.27
N ALA A 35 6.63 -12.97 13.73
CA ALA A 35 6.67 -13.43 12.35
C ALA A 35 5.33 -13.35 11.66
N TRP A 36 5.36 -13.41 10.32
CA TRP A 36 4.18 -13.47 9.46
C TRP A 36 4.20 -14.80 8.76
N TYR A 37 3.02 -15.41 8.70
CA TYR A 37 2.77 -16.69 8.05
C TYR A 37 1.57 -16.50 7.13
N ARG A 38 1.39 -17.41 6.18
CA ARG A 38 0.22 -17.35 5.31
C ARG A 38 -0.29 -18.75 5.01
N GLN A 39 -1.59 -18.85 4.77
CA GLN A 39 -2.21 -20.13 4.47
C GLN A 39 -3.17 -19.93 3.32
N ALA A 40 -2.84 -20.49 2.15
CA ALA A 40 -3.65 -20.44 0.94
C ALA A 40 -4.76 -21.52 1.01
N PRO A 41 -5.87 -21.43 0.22
CA PRO A 41 -6.94 -22.45 0.32
C PRO A 41 -6.47 -23.90 0.16
N GLY A 42 -6.77 -24.72 1.17
CA GLY A 42 -6.41 -26.13 1.21
C GLY A 42 -4.93 -26.44 1.27
N LYS A 43 -4.11 -25.45 1.69
CA LYS A 43 -2.66 -25.58 1.78
C LYS A 43 -2.17 -25.51 3.22
N GLN A 44 -0.89 -25.86 3.44
CA GLN A 44 -0.28 -25.80 4.76
C GLN A 44 0.13 -24.36 5.06
N ARG A 45 0.17 -24.01 6.34
CA ARG A 45 0.58 -22.68 6.79
C ARG A 45 2.08 -22.59 6.56
N GLU A 46 2.52 -21.53 5.87
CA GLU A 46 3.94 -21.35 5.57
C GLU A 46 4.48 -20.03 6.10
N LEU A 47 5.77 -20.01 6.45
CA LEU A 47 6.46 -18.82 6.92
C LEU A 47 6.61 -17.84 5.76
N VAL A 48 6.37 -16.57 6.04
CA VAL A 48 6.51 -15.48 5.07
C VAL A 48 7.75 -14.69 5.45
N ALA A 49 7.81 -14.19 6.70
CA ALA A 49 8.91 -13.38 7.20
C ALA A 49 8.99 -13.41 8.71
N SER A 50 10.20 -13.24 9.26
CA SER A 50 10.40 -13.20 10.72
C SER A 50 11.34 -12.07 11.10
N ILE A 51 11.21 -11.58 12.33
CA ILE A 51 12.07 -10.54 12.87
C ILE A 51 12.35 -10.82 14.34
N THR A 52 13.63 -10.97 14.69
CA THR A 52 14.02 -11.21 16.08
C THR A 52 13.95 -9.89 16.85
N SER A 53 13.95 -9.95 18.21
CA SER A 53 13.94 -8.75 19.05
C SER A 53 15.15 -7.85 18.77
N GLY A 54 16.25 -8.46 18.32
CA GLY A 54 17.48 -7.80 17.93
C GLY A 54 17.44 -7.15 16.56
N GLY A 55 16.41 -7.47 15.77
CA GLY A 55 16.19 -6.90 14.45
C GLY A 55 16.61 -7.73 13.25
N THR A 56 16.99 -9.01 13.46
CA THR A 56 17.40 -9.89 12.36
C THR A 56 16.17 -10.32 11.57
N THR A 57 16.14 -10.02 10.26
CA THR A 57 15.02 -10.37 9.38
C THR A 57 15.37 -11.59 8.53
N ASN A 58 14.33 -12.37 8.20
CA ASN A 58 14.43 -13.54 7.34
C ASN A 58 13.16 -13.62 6.53
N TYR A 59 13.28 -13.91 5.23
CA TYR A 59 12.15 -13.98 4.32
C TYR A 59 12.13 -15.29 3.58
N ALA A 60 10.91 -15.76 3.25
CA ALA A 60 10.72 -16.92 2.40
C ALA A 60 11.14 -16.47 0.99
N ASP A 61 11.77 -17.38 0.20
CA ASP A 61 12.25 -17.06 -1.15
C ASP A 61 11.18 -16.48 -2.07
N SER A 62 9.92 -16.91 -1.89
CA SER A 62 8.76 -16.47 -2.69
C SER A 62 8.43 -14.99 -2.52
N VAL A 63 8.81 -14.37 -1.37
CA VAL A 63 8.46 -12.98 -1.07
C VAL A 63 9.66 -12.01 -0.99
N LYS A 64 10.91 -12.51 -1.03
CA LYS A 64 12.12 -11.69 -0.96
C LYS A 64 12.07 -10.47 -1.89
N GLY A 65 12.46 -9.33 -1.35
CA GLY A 65 12.49 -8.06 -2.07
C GLY A 65 11.14 -7.37 -2.18
N ARG A 66 10.07 -8.15 -2.38
CA ARG A 66 8.73 -7.59 -2.56
C ARG A 66 8.07 -7.21 -1.23
N PHE A 67 8.30 -8.02 -0.19
CA PHE A 67 7.74 -7.80 1.15
C PHE A 67 8.82 -7.41 2.15
N THR A 68 8.45 -6.56 3.12
CA THR A 68 9.34 -6.10 4.17
C THR A 68 8.64 -6.21 5.53
N ILE A 69 9.31 -6.85 6.50
CA ILE A 69 8.81 -7.00 7.86
C ILE A 69 9.49 -5.93 8.73
N SER A 70 8.72 -5.31 9.62
CA SER A 70 9.25 -4.32 10.55
C SER A 70 8.48 -4.35 11.85
N LYS A 71 9.11 -3.88 12.93
CA LYS A 71 8.52 -3.84 14.26
C LYS A 71 8.69 -2.45 14.85
N ASP A 72 7.57 -1.85 15.28
CA ASP A 72 7.58 -0.55 15.93
C ASP A 72 7.29 -0.82 17.40
N ASN A 73 8.34 -0.81 18.26
CA ASN A 73 8.17 -1.09 19.69
C ASN A 73 7.37 -0.02 20.42
N ALA A 74 7.49 1.25 20.01
CA ALA A 74 6.75 2.37 20.62
C ALA A 74 5.24 2.17 20.44
N GLU A 75 4.82 1.62 19.30
CA GLU A 75 3.42 1.34 18.98
C GLU A 75 3.00 -0.09 19.34
N ASN A 76 3.98 -0.98 19.60
CA ASN A 76 3.74 -2.41 19.87
C ASN A 76 3.05 -3.06 18.66
N THR A 77 3.50 -2.69 17.45
CA THR A 77 2.91 -3.20 16.20
C THR A 77 3.97 -3.80 15.30
N LEU A 78 3.62 -4.94 14.71
CA LEU A 78 4.42 -5.64 13.72
C LEU A 78 3.78 -5.34 12.37
N TYR A 79 4.60 -5.03 11.36
CA TYR A 79 4.11 -4.71 10.04
C TYR A 79 4.65 -5.63 8.97
N LEU A 80 3.89 -5.75 7.87
CA LEU A 80 4.30 -6.45 6.66
C LEU A 80 3.92 -5.57 5.48
N ARG A 81 4.89 -4.83 4.91
CA ARG A 81 4.62 -4.00 3.74
C ARG A 81 4.74 -4.92 2.54
N MET A 82 3.71 -4.97 1.69
CA MET A 82 3.69 -5.89 0.56
C MET A 82 3.58 -5.13 -0.74
N ASN A 83 4.62 -5.19 -1.56
CA ASN A 83 4.70 -4.55 -2.87
C ASN A 83 4.64 -5.60 -3.96
N SER A 84 4.35 -5.18 -5.20
CA SER A 84 4.32 -6.01 -6.40
C SER A 84 3.54 -7.32 -6.16
N LEU A 85 2.33 -7.18 -5.58
CA LEU A 85 1.47 -8.31 -5.23
C LEU A 85 1.07 -9.14 -6.45
N LYS A 86 1.06 -10.48 -6.28
CA LYS A 86 0.74 -11.41 -7.34
C LYS A 86 -0.45 -12.28 -6.91
N PRO A 87 -1.24 -12.87 -7.85
CA PRO A 87 -2.35 -13.76 -7.43
C PRO A 87 -1.91 -14.90 -6.51
N GLU A 88 -0.66 -15.38 -6.66
CA GLU A 88 -0.06 -16.45 -5.85
C GLU A 88 0.11 -16.05 -4.37
N ASP A 89 0.00 -14.74 -4.06
CA ASP A 89 0.09 -14.20 -2.69
C ASP A 89 -1.26 -14.27 -1.98
N THR A 90 -2.34 -14.69 -2.68
CA THR A 90 -3.67 -14.82 -2.07
C THR A 90 -3.62 -15.87 -0.96
N ALA A 91 -4.02 -15.46 0.25
CA ALA A 91 -4.03 -16.31 1.45
C ALA A 91 -4.52 -15.53 2.65
N VAL A 92 -4.74 -16.24 3.77
CA VAL A 92 -5.05 -15.64 5.06
C VAL A 92 -3.66 -15.47 5.67
N TYR A 93 -3.32 -14.26 6.10
CA TYR A 93 -2.02 -13.97 6.69
C TYR A 93 -2.15 -13.89 8.18
N TYR A 94 -1.23 -14.54 8.89
CA TYR A 94 -1.25 -14.59 10.34
C TYR A 94 0.03 -14.06 10.92
N CYS A 95 -0.06 -13.36 12.06
CA CYS A 95 1.14 -12.97 12.75
C CYS A 95 1.31 -13.87 13.97
N LYS A 96 2.55 -14.05 14.40
CA LYS A 96 2.89 -14.90 15.52
C LYS A 96 3.92 -14.21 16.40
N ALA A 97 3.81 -14.41 17.71
CA ALA A 97 4.76 -13.89 18.68
C ALA A 97 5.24 -15.07 19.49
N PHE A 98 6.56 -15.23 19.58
CA PHE A 98 7.16 -16.30 20.36
C PHE A 98 7.90 -15.68 21.51
N PHE A 99 7.66 -16.21 22.71
CA PHE A 99 8.33 -15.71 23.90
C PHE A 99 8.58 -16.79 24.91
N ARG A 100 9.41 -16.46 25.91
CA ARG A 100 9.70 -17.36 27.02
C ARG A 100 9.23 -16.76 28.34
N ARG A 101 8.56 -17.59 29.16
CA ARG A 101 8.05 -17.25 30.49
C ARG A 101 8.48 -18.39 31.38
N ASP A 102 9.35 -18.09 32.36
CA ASP A 102 9.92 -19.06 33.31
C ASP A 102 10.57 -20.24 32.58
N TYR A 103 11.42 -19.90 31.57
CA TYR A 103 12.22 -20.77 30.70
C TYR A 103 11.38 -21.70 29.76
N VAL A 104 10.07 -21.45 29.64
CA VAL A 104 9.16 -22.22 28.80
C VAL A 104 8.75 -21.36 27.59
N GLY A 105 8.90 -21.91 26.38
CA GLY A 105 8.53 -21.23 25.13
C GLY A 105 7.05 -21.33 24.82
N TYR A 106 6.47 -20.22 24.32
CA TYR A 106 5.05 -20.15 23.98
C TYR A 106 4.85 -19.41 22.68
N ASP A 107 3.78 -19.76 21.93
CA ASP A 107 3.39 -19.07 20.71
C ASP A 107 2.01 -18.47 20.87
N TYR A 108 1.84 -17.26 20.36
CA TYR A 108 0.56 -16.57 20.37
C TYR A 108 0.34 -16.11 18.98
N TRP A 109 -0.83 -16.42 18.45
CA TRP A 109 -1.17 -16.15 17.07
C TRP A 109 -2.28 -15.14 16.96
N GLY A 110 -2.26 -14.38 15.88
CA GLY A 110 -3.31 -13.43 15.54
C GLY A 110 -4.45 -14.19 14.87
N GLN A 111 -5.60 -13.52 14.67
CA GLN A 111 -6.80 -14.15 14.11
C GLN A 111 -6.75 -14.36 12.59
N GLY A 112 -5.82 -13.67 11.93
CA GLY A 112 -5.66 -13.71 10.48
C GLY A 112 -6.34 -12.54 9.79
N THR A 113 -5.81 -12.18 8.63
CA THR A 113 -6.35 -11.14 7.75
C THR A 113 -6.30 -11.68 6.32
N GLN A 114 -7.41 -11.55 5.59
CA GLN A 114 -7.49 -12.05 4.21
C GLN A 114 -6.82 -11.10 3.23
N VAL A 115 -5.98 -11.65 2.35
CA VAL A 115 -5.34 -10.92 1.26
C VAL A 115 -5.74 -11.66 -0.01
N THR A 116 -6.40 -10.95 -0.94
CA THR A 116 -6.79 -11.51 -2.22
C THR A 116 -6.24 -10.61 -3.31
N VAL A 117 -5.47 -11.21 -4.21
CA VAL A 117 -4.88 -10.48 -5.33
C VAL A 117 -5.54 -10.99 -6.61
N SER A 118 -6.29 -10.11 -7.27
CA SER A 118 -7.02 -10.42 -8.51
C SER A 118 -6.15 -10.24 -9.74
N SER A 119 -6.27 -11.16 -10.70
CA SER A 119 -5.53 -11.10 -11.96
C SER A 119 -6.36 -10.47 -13.07
N GLN B 1 0.42 9.34 -29.12
CA GLN B 1 0.43 10.10 -27.87
C GLN B 1 0.77 9.21 -26.67
N VAL B 2 1.43 9.79 -25.65
CA VAL B 2 1.79 9.11 -24.41
C VAL B 2 0.51 8.86 -23.60
N GLN B 3 0.30 7.60 -23.20
CA GLN B 3 -0.87 7.18 -22.43
C GLN B 3 -0.56 7.03 -20.97
N LEU B 4 -1.54 7.33 -20.11
CA LEU B 4 -1.41 7.18 -18.66
C LEU B 4 -2.33 6.04 -18.23
N VAL B 5 -1.76 5.00 -17.59
CA VAL B 5 -2.52 3.85 -17.15
C VAL B 5 -2.39 3.66 -15.65
N GLU B 6 -3.54 3.69 -14.94
CA GLU B 6 -3.55 3.52 -13.49
CA GLU B 6 -3.57 3.52 -13.48
C GLU B 6 -3.81 2.10 -13.06
N SER B 7 -3.31 1.75 -11.86
CA SER B 7 -3.45 0.47 -11.21
C SER B 7 -3.17 0.66 -9.70
N GLY B 8 -3.41 -0.37 -8.91
CA GLY B 8 -3.16 -0.32 -7.47
C GLY B 8 -4.35 -0.12 -6.58
N GLY B 9 -5.52 0.11 -7.18
CA GLY B 9 -6.74 0.29 -6.43
C GLY B 9 -7.21 -1.02 -5.80
N GLY B 10 -8.24 -0.93 -4.97
CA GLY B 10 -8.82 -2.10 -4.32
C GLY B 10 -9.79 -1.79 -3.21
N LEU B 11 -10.14 -2.83 -2.44
CA LEU B 11 -11.09 -2.78 -1.35
C LEU B 11 -10.37 -3.09 -0.06
N VAL B 12 -10.32 -2.10 0.84
CA VAL B 12 -9.63 -2.26 2.12
C VAL B 12 -10.50 -1.77 3.31
N GLN B 13 -10.11 -2.10 4.54
CA GLN B 13 -10.84 -1.61 5.70
C GLN B 13 -10.17 -0.34 6.19
N ALA B 14 -10.90 0.44 6.99
CA ALA B 14 -10.44 1.70 7.56
C ALA B 14 -9.12 1.51 8.30
N GLY B 15 -8.20 2.44 8.09
CA GLY B 15 -6.86 2.39 8.64
C GLY B 15 -5.86 1.71 7.72
N GLY B 16 -6.36 1.10 6.65
CA GLY B 16 -5.56 0.38 5.67
C GLY B 16 -4.67 1.25 4.80
N THR B 17 -3.82 0.58 4.00
CA THR B 17 -2.85 1.19 3.08
C THR B 17 -3.02 0.63 1.67
N LEU B 18 -2.83 1.51 0.67
CA LEU B 18 -2.79 1.18 -0.76
C LEU B 18 -1.72 2.06 -1.39
N LYS B 19 -1.24 1.67 -2.57
CA LYS B 19 -0.34 2.50 -3.35
C LYS B 19 -0.82 2.49 -4.78
N LEU B 20 -1.23 3.66 -5.28
CA LEU B 20 -1.69 3.78 -6.65
C LEU B 20 -0.51 4.07 -7.54
N SER B 21 -0.54 3.50 -8.76
CA SER B 21 0.51 3.68 -9.76
C SER B 21 -0.11 4.28 -11.01
N CYS B 22 0.59 5.24 -11.62
CA CYS B 22 0.17 5.88 -12.86
C CYS B 22 1.34 5.74 -13.80
N ALA B 23 1.25 4.74 -14.67
CA ALA B 23 2.30 4.40 -15.61
C ALA B 23 2.16 5.18 -16.90
N ALA B 24 3.19 5.95 -17.23
CA ALA B 24 3.25 6.69 -18.47
C ALA B 24 3.96 5.77 -19.48
N SER B 25 3.42 5.62 -20.71
CA SER B 25 3.98 4.78 -21.77
C SER B 25 5.42 5.18 -22.18
N GLY B 26 5.77 6.43 -21.89
CA GLY B 26 7.08 7.01 -22.16
C GLY B 26 7.23 8.35 -21.46
N SER B 27 8.36 9.03 -21.71
CA SER B 27 8.64 10.35 -21.15
C SER B 27 7.76 11.37 -21.89
N ILE B 28 7.19 12.33 -21.16
CA ILE B 28 6.38 13.37 -21.79
C ILE B 28 7.25 14.62 -21.92
N SER B 29 7.57 14.99 -23.17
CA SER B 29 8.37 16.17 -23.48
C SER B 29 7.61 17.40 -23.02
N GLY B 30 8.29 18.28 -22.29
CA GLY B 30 7.71 19.50 -21.76
C GLY B 30 6.80 19.31 -20.57
N ILE B 31 6.98 18.21 -19.79
CA ILE B 31 6.19 17.92 -18.58
C ILE B 31 6.39 19.04 -17.55
N VAL B 32 5.28 19.53 -16.99
CA VAL B 32 5.31 20.62 -16.01
C VAL B 32 4.90 20.10 -14.63
N VAL B 33 3.72 19.41 -14.56
CA VAL B 33 3.13 18.90 -13.32
CA VAL B 33 3.18 18.87 -13.33
C VAL B 33 2.41 17.57 -13.60
N MET B 34 2.39 16.68 -12.61
CA MET B 34 1.63 15.43 -12.63
C MET B 34 0.79 15.48 -11.37
N ALA B 35 -0.44 14.95 -11.44
CA ALA B 35 -1.34 15.07 -10.30
C ALA B 35 -2.31 13.91 -10.18
N TRP B 36 -2.88 13.77 -8.98
CA TRP B 36 -3.93 12.80 -8.68
C TRP B 36 -5.17 13.57 -8.34
N TYR B 37 -6.29 13.07 -8.85
CA TYR B 37 -7.63 13.60 -8.65
C TYR B 37 -8.51 12.44 -8.21
N ARG B 38 -9.67 12.74 -7.62
CA ARG B 38 -10.60 11.68 -7.25
C ARG B 38 -12.03 12.14 -7.46
N GLN B 39 -12.93 11.16 -7.70
CA GLN B 39 -14.35 11.44 -7.86
CA GLN B 39 -14.35 11.42 -7.92
C GLN B 39 -15.16 10.44 -7.03
N ALA B 40 -15.74 10.96 -5.93
CA ALA B 40 -16.52 10.25 -4.94
C ALA B 40 -17.97 10.11 -5.39
N PRO B 41 -18.78 9.16 -4.86
CA PRO B 41 -20.19 9.04 -5.31
C PRO B 41 -21.01 10.34 -5.21
N GLY B 42 -21.58 10.73 -6.35
CA GLY B 42 -22.39 11.93 -6.50
C GLY B 42 -21.65 13.25 -6.31
N LYS B 43 -20.31 13.22 -6.43
CA LYS B 43 -19.47 14.41 -6.25
C LYS B 43 -18.74 14.79 -7.54
N GLN B 44 -18.14 15.98 -7.57
CA GLN B 44 -17.38 16.44 -8.73
C GLN B 44 -15.95 15.93 -8.58
N ARG B 45 -15.19 15.90 -9.68
CA ARG B 45 -13.79 15.49 -9.65
C ARG B 45 -12.99 16.57 -8.90
N GLU B 46 -12.22 16.14 -7.89
CA GLU B 46 -11.45 17.08 -7.07
C GLU B 46 -9.97 16.73 -7.03
N LEU B 47 -9.10 17.75 -6.88
CA LEU B 47 -7.65 17.58 -6.76
C LEU B 47 -7.31 16.90 -5.44
N VAL B 48 -6.39 15.93 -5.49
CA VAL B 48 -5.91 15.20 -4.32
C VAL B 48 -4.49 15.69 -4.02
N ALA B 49 -3.59 15.59 -5.02
CA ALA B 49 -2.18 15.94 -4.85
C ALA B 49 -1.53 16.25 -6.17
N SER B 50 -0.50 17.11 -6.16
CA SER B 50 0.26 17.44 -7.36
C SER B 50 1.76 17.44 -7.09
N ILE B 51 2.55 17.20 -8.14
CA ILE B 51 4.01 17.23 -8.06
C ILE B 51 4.57 17.85 -9.32
N THR B 52 5.34 18.95 -9.16
CA THR B 52 5.96 19.63 -10.31
C THR B 52 7.17 18.80 -10.77
N SER B 53 7.68 19.06 -11.99
CA SER B 53 8.86 18.37 -12.51
C SER B 53 10.09 18.59 -11.62
N GLY B 54 10.11 19.71 -10.91
CA GLY B 54 11.14 20.08 -9.94
C GLY B 54 11.00 19.41 -8.58
N GLY B 55 9.85 18.77 -8.34
CA GLY B 55 9.59 18.02 -7.12
C GLY B 55 8.75 18.71 -6.05
N THR B 56 8.15 19.87 -6.35
CA THR B 56 7.31 20.59 -5.39
C THR B 56 5.96 19.87 -5.27
N THR B 57 5.61 19.46 -4.04
CA THR B 57 4.35 18.77 -3.77
C THR B 57 3.31 19.71 -3.14
N ASN B 58 2.04 19.42 -3.42
CA ASN B 58 0.88 20.14 -2.89
C ASN B 58 -0.23 19.13 -2.67
N TYR B 59 -0.91 19.23 -1.52
CA TYR B 59 -1.99 18.30 -1.17
C TYR B 59 -3.26 19.05 -0.81
N ALA B 60 -4.41 18.42 -1.10
CA ALA B 60 -5.71 18.91 -0.70
C ALA B 60 -5.76 18.70 0.82
N ASP B 61 -6.43 19.62 1.55
CA ASP B 61 -6.56 19.55 3.01
C ASP B 61 -7.14 18.23 3.53
N SER B 62 -8.03 17.60 2.74
CA SER B 62 -8.66 16.33 3.10
C SER B 62 -7.70 15.15 3.18
N VAL B 63 -6.55 15.22 2.46
CA VAL B 63 -5.59 14.10 2.42
C VAL B 63 -4.22 14.42 3.01
N LYS B 64 -3.94 15.73 3.22
CA LYS B 64 -2.66 16.20 3.74
C LYS B 64 -2.29 15.46 5.02
N GLY B 65 -1.07 14.93 5.07
CA GLY B 65 -0.55 14.17 6.20
C GLY B 65 -0.80 12.67 6.17
N ARG B 66 -1.72 12.20 5.31
CA ARG B 66 -2.04 10.76 5.18
C ARG B 66 -1.58 10.21 3.85
N PHE B 67 -1.62 11.04 2.80
CA PHE B 67 -1.21 10.61 1.46
C PHE B 67 0.05 11.30 1.01
N THR B 68 0.88 10.59 0.19
CA THR B 68 2.14 11.11 -0.35
CA THR B 68 2.09 11.16 -0.38
C THR B 68 2.19 10.85 -1.85
N ILE B 69 2.52 11.87 -2.63
CA ILE B 69 2.68 11.78 -4.07
C ILE B 69 4.18 11.72 -4.36
N SER B 70 4.59 10.85 -5.30
CA SER B 70 5.99 10.72 -5.69
C SER B 70 6.10 10.35 -7.16
N LYS B 71 7.25 10.62 -7.76
CA LYS B 71 7.51 10.35 -9.16
C LYS B 71 8.85 9.61 -9.31
N ASP B 72 8.84 8.46 -10.01
CA ASP B 72 10.05 7.70 -10.32
C ASP B 72 10.30 7.91 -11.82
N ASN B 73 11.26 8.79 -12.17
CA ASN B 73 11.55 9.08 -13.57
C ASN B 73 12.16 7.91 -14.33
N ALA B 74 12.98 7.07 -13.66
CA ALA B 74 13.59 5.89 -14.27
C ALA B 74 12.52 4.90 -14.74
N GLU B 75 11.41 4.79 -13.98
CA GLU B 75 10.30 3.91 -14.30
C GLU B 75 9.20 4.62 -15.08
N ASN B 76 9.21 5.97 -15.11
CA ASN B 76 8.16 6.79 -15.74
C ASN B 76 6.80 6.53 -15.08
N THR B 77 6.82 6.41 -13.73
CA THR B 77 5.63 6.13 -12.94
C THR B 77 5.42 7.17 -11.86
N LEU B 78 4.15 7.59 -11.72
CA LEU B 78 3.68 8.50 -10.68
C LEU B 78 2.99 7.63 -9.64
N TYR B 79 3.27 7.88 -8.37
CA TYR B 79 2.67 7.11 -7.28
C TYR B 79 1.84 7.97 -6.33
N LEU B 80 0.88 7.33 -5.67
CA LEU B 80 0.10 7.91 -4.58
C LEU B 80 0.07 6.89 -3.46
N ARG B 81 0.88 7.16 -2.43
CA ARG B 81 0.97 6.32 -1.23
C ARG B 81 -0.17 6.73 -0.31
N MET B 82 -1.13 5.83 -0.09
CA MET B 82 -2.31 6.10 0.72
C MET B 82 -2.27 5.40 2.07
N ASN B 83 -2.03 6.15 3.16
CA ASN B 83 -2.01 5.62 4.52
C ASN B 83 -3.24 6.10 5.27
N SER B 84 -3.55 5.41 6.39
CA SER B 84 -4.64 5.76 7.31
C SER B 84 -5.95 6.03 6.54
N LEU B 85 -6.28 5.11 5.62
CA LEU B 85 -7.45 5.23 4.77
C LEU B 85 -8.75 5.29 5.54
N LYS B 86 -9.67 6.15 5.09
CA LYS B 86 -10.96 6.36 5.73
C LYS B 86 -12.08 6.07 4.74
N PRO B 87 -13.31 5.71 5.18
CA PRO B 87 -14.39 5.47 4.20
C PRO B 87 -14.64 6.65 3.27
N GLU B 88 -14.40 7.91 3.74
CA GLU B 88 -14.56 9.14 2.96
C GLU B 88 -13.57 9.24 1.80
N ASP B 89 -12.53 8.36 1.77
CA ASP B 89 -11.55 8.30 0.67
C ASP B 89 -12.03 7.43 -0.48
N THR B 90 -13.21 6.77 -0.33
CA THR B 90 -13.78 5.92 -1.38
C THR B 90 -14.08 6.79 -2.59
N ALA B 91 -13.51 6.43 -3.76
CA ALA B 91 -13.66 7.18 -5.00
C ALA B 91 -12.90 6.49 -6.13
N VAL B 92 -13.13 6.97 -7.35
CA VAL B 92 -12.35 6.57 -8.52
C VAL B 92 -11.21 7.61 -8.55
N TYR B 93 -9.97 7.15 -8.56
CA TYR B 93 -8.81 8.04 -8.57
C TYR B 93 -8.22 8.12 -9.95
N TYR B 94 -7.91 9.34 -10.40
CA TYR B 94 -7.38 9.60 -11.74
C TYR B 94 -6.04 10.29 -11.68
N CYS B 95 -5.13 9.97 -12.61
CA CYS B 95 -3.90 10.72 -12.69
C CYS B 95 -3.96 11.63 -13.91
N LYS B 96 -3.23 12.73 -13.85
CA LYS B 96 -3.20 13.73 -14.92
C LYS B 96 -1.74 14.19 -15.13
N ALA B 97 -1.41 14.47 -16.38
CA ALA B 97 -0.10 15.00 -16.75
C ALA B 97 -0.37 16.30 -17.50
N PHE B 98 0.19 17.40 -16.99
CA PHE B 98 0.07 18.71 -17.65
C PHE B 98 1.42 19.02 -18.25
N PHE B 99 1.45 19.23 -19.56
CA PHE B 99 2.69 19.50 -20.29
C PHE B 99 2.49 20.62 -21.30
N ARG B 100 3.61 21.13 -21.84
CA ARG B 100 3.61 22.23 -22.81
CA ARG B 100 3.59 22.21 -22.81
C ARG B 100 4.25 21.83 -24.12
N ARG B 101 3.66 22.29 -25.21
CA ARG B 101 4.11 22.10 -26.59
C ARG B 101 3.97 23.46 -27.24
N ASP B 102 5.11 24.07 -27.60
CA ASP B 102 5.20 25.41 -28.18
C ASP B 102 4.46 26.45 -27.32
N TYR B 103 4.76 26.41 -25.98
CA TYR B 103 4.25 27.31 -24.94
C TYR B 103 2.72 27.21 -24.69
N VAL B 104 2.06 26.16 -25.23
CA VAL B 104 0.63 25.87 -25.05
C VAL B 104 0.49 24.66 -24.12
N GLY B 105 -0.30 24.81 -23.06
CA GLY B 105 -0.55 23.77 -22.09
C GLY B 105 -1.61 22.79 -22.53
N TYR B 106 -1.38 21.49 -22.27
CA TYR B 106 -2.29 20.39 -22.62
C TYR B 106 -2.39 19.42 -21.45
N ASP B 107 -3.51 18.69 -21.33
CA ASP B 107 -3.74 17.70 -20.27
C ASP B 107 -3.91 16.30 -20.83
N TYR B 108 -3.28 15.31 -20.18
CA TYR B 108 -3.43 13.89 -20.46
C TYR B 108 -4.05 13.30 -19.19
N TRP B 109 -5.06 12.41 -19.33
CA TRP B 109 -5.70 11.77 -18.17
C TRP B 109 -5.66 10.25 -18.25
N GLY B 110 -5.60 9.62 -17.09
CA GLY B 110 -5.68 8.18 -16.98
C GLY B 110 -7.13 7.73 -16.97
N GLN B 111 -7.37 6.40 -17.07
CA GLN B 111 -8.71 5.81 -17.11
C GLN B 111 -9.41 5.73 -15.74
N GLY B 112 -8.63 5.85 -14.67
CA GLY B 112 -9.12 5.75 -13.29
C GLY B 112 -8.94 4.38 -12.68
N THR B 113 -8.81 4.34 -11.35
CA THR B 113 -8.70 3.13 -10.52
C THR B 113 -9.61 3.29 -9.30
N GLN B 114 -10.40 2.26 -9.00
CA GLN B 114 -11.33 2.29 -7.88
C GLN B 114 -10.65 2.02 -6.55
N VAL B 115 -10.93 2.87 -5.56
CA VAL B 115 -10.48 2.71 -4.18
C VAL B 115 -11.75 2.69 -3.33
N THR B 116 -11.96 1.60 -2.58
CA THR B 116 -13.09 1.46 -1.68
C THR B 116 -12.59 1.16 -0.28
N VAL B 117 -13.02 1.99 0.69
CA VAL B 117 -12.64 1.84 2.09
C VAL B 117 -13.91 1.60 2.91
N SER B 118 -14.02 0.41 3.54
CA SER B 118 -15.18 0.06 4.36
C SER B 118 -14.95 0.36 5.87
N SER B 119 -16.04 0.55 6.64
CA SER B 119 -16.00 0.82 8.08
C SER B 119 -16.62 -0.35 8.89
S SO4 C . 8.58 1.12 -0.46
O1 SO4 C . 8.05 1.69 -1.70
O2 SO4 C . 8.62 2.15 0.58
O3 SO4 C . 9.93 0.62 -0.70
O4 SO4 C . 7.72 0.03 0.00
S SO4 D . -12.98 15.54 -1.98
O1 SO4 D . -12.67 15.26 -0.57
O2 SO4 D . -13.21 16.98 -2.14
O3 SO4 D . -11.86 15.12 -2.83
O4 SO4 D . -14.19 14.80 -2.39
S SO4 E . 5.10 5.88 4.33
O1 SO4 E . 4.18 6.20 5.42
O2 SO4 E . 4.58 6.38 3.06
O3 SO4 E . 5.26 4.43 4.25
O4 SO4 E . 6.40 6.50 4.60
#